data_2XLK
#
_entry.id   2XLK
#
_cell.length_a   40.060
_cell.length_b   78.910
_cell.length_c   145.940
_cell.angle_alpha   90.00
_cell.angle_beta   90.00
_cell.angle_gamma   90.00
#
_symmetry.space_group_name_H-M   'P 21 21 21'
#
loop_
_entity.id
_entity.type
_entity.pdbx_description
1 polymer 'CSY4 ENDORIBONUCLEASE'
2 polymer "5'-R(*CP*UP*GP*CP*CP*GP*UP*AP*UP*AP*GP*GP*CP*A*DG*C)-3'"
3 water water
#
loop_
_entity_poly.entity_id
_entity_poly.type
_entity_poly.pdbx_seq_one_letter_code
_entity_poly.pdbx_strand_id
1 'polypeptide(L)'
;GSFTMDHYLDIRLRPDPEFPPAQLMCVLFGKLHQALVAQGGDRIGVSFPDLDESRSRLGERLRIHASADDLRALLARPWL
EGLRDHLQFGEPAVVPHPTPYRQVSRVQAKSNPERLRRRLMRRHDLSEEEARKRIPDTVARTLDLPFVTLRSQSTGQHFR
LFIRHGPLQVTAEEGGFTCYGLSKGGFVPWF
;
A,B
2 'polyribonucleotide' CUGCCGUAUAGGCA(DG)C C,D
#
loop_
_chem_comp.id
_chem_comp.type
_chem_comp.name
_chem_comp.formula
A RNA linking ADENOSINE-5'-MONOPHOSPHATE 'C10 H14 N5 O7 P'
C RNA linking CYTIDINE-5'-MONOPHOSPHATE 'C9 H14 N3 O8 P'
DG DNA linking 2'-DEOXYGUANOSINE-5'-MONOPHOSPHATE 'C10 H14 N5 O7 P'
G RNA linking GUANOSINE-5'-MONOPHOSPHATE 'C10 H14 N5 O8 P'
U RNA linking URIDINE-5'-MONOPHOSPHATE 'C9 H13 N2 O9 P'
#
# COMPACT_ATOMS: atom_id res chain seq x y z
N THR A 4 -16.24 -16.48 -1.24
CA THR A 4 -16.21 -16.99 0.13
C THR A 4 -15.50 -16.01 1.07
N MET A 5 -14.18 -15.94 1.01
CA MET A 5 -13.45 -14.90 1.74
C MET A 5 -13.37 -13.62 0.91
N ASP A 6 -14.50 -12.95 0.80
CA ASP A 6 -14.60 -11.84 -0.13
C ASP A 6 -14.65 -10.50 0.59
N HIS A 7 -14.38 -10.51 1.90
CA HIS A 7 -14.33 -9.26 2.66
C HIS A 7 -12.95 -9.07 3.28
N TYR A 8 -12.63 -7.84 3.66
CA TYR A 8 -11.34 -7.57 4.29
C TYR A 8 -11.42 -6.33 5.18
N LEU A 9 -10.42 -6.20 6.03
CA LEU A 9 -10.23 -4.99 6.83
C LEU A 9 -8.76 -4.66 6.82
N ASP A 10 -8.42 -3.40 6.56
CA ASP A 10 -7.03 -2.95 6.66
C ASP A 10 -6.79 -2.31 8.03
N ILE A 11 -5.73 -2.72 8.69
CA ILE A 11 -5.34 -2.12 9.96
C ILE A 11 -3.98 -1.51 9.74
N ARG A 12 -3.87 -0.22 10.03
CA ARG A 12 -2.62 0.48 9.79
C ARG A 12 -2.01 0.92 11.11
N LEU A 13 -0.70 0.70 11.27
CA LEU A 13 -0.01 1.15 12.48
C LEU A 13 0.12 2.67 12.47
N ARG A 14 -0.26 3.31 13.57
CA ARG A 14 0.03 4.73 13.74
C ARG A 14 1.50 4.95 14.10
N PRO A 15 2.11 6.01 13.52
CA PRO A 15 3.51 6.28 13.87
C PRO A 15 3.62 6.64 15.35
N ASP A 16 4.67 6.15 16.00
CA ASP A 16 4.92 6.40 17.41
C ASP A 16 6.38 6.83 17.56
N PRO A 17 6.63 7.93 18.28
CA PRO A 17 8.00 8.43 18.35
C PRO A 17 8.87 7.66 19.33
N GLU A 18 8.26 6.79 20.13
CA GLU A 18 9.00 5.98 21.10
C GLU A 18 9.22 4.54 20.64
N PHE A 19 8.20 3.91 20.03
CA PHE A 19 8.34 2.53 19.57
C PHE A 19 8.27 2.47 18.04
N PRO A 20 9.20 1.72 17.42
CA PRO A 20 9.23 1.59 15.96
C PRO A 20 8.10 0.70 15.46
N PRO A 21 7.71 0.84 14.18
CA PRO A 21 6.61 0.06 13.61
C PRO A 21 6.74 -1.43 13.89
N ALA A 22 7.93 -1.98 13.73
CA ALA A 22 8.13 -3.40 13.92
C ALA A 22 7.62 -3.86 15.28
N GLN A 23 7.87 -3.04 16.31
CA GLN A 23 7.47 -3.41 17.65
C GLN A 23 5.94 -3.39 17.77
N LEU A 24 5.30 -2.41 17.16
CA LEU A 24 3.85 -2.34 17.23
C LEU A 24 3.22 -3.50 16.43
N MET A 25 3.85 -3.88 15.32
CA MET A 25 3.31 -4.98 14.52
C MET A 25 3.33 -6.28 15.32
N CYS A 26 4.40 -6.50 16.09
CA CYS A 26 4.48 -7.68 16.96
C CYS A 26 3.29 -7.73 17.90
N VAL A 27 2.93 -6.59 18.50
CA VAL A 27 1.83 -6.56 19.45
C VAL A 27 0.50 -6.85 18.77
N LEU A 28 0.28 -6.19 17.63
CA LEU A 28 -0.95 -6.36 16.87
C LEU A 28 -1.13 -7.81 16.44
N PHE A 29 -0.06 -8.42 15.92
CA PHE A 29 -0.17 -9.76 15.35
C PHE A 29 -0.44 -10.78 16.44
N GLY A 30 0.13 -10.55 17.63
CA GLY A 30 -0.13 -11.41 18.76
C GLY A 30 -1.54 -11.29 19.29
N LYS A 31 -2.07 -10.07 19.31
CA LYS A 31 -3.47 -9.89 19.70
C LYS A 31 -4.40 -10.55 18.68
N LEU A 32 -4.06 -10.47 17.39
CA LEU A 32 -4.88 -11.16 16.39
C LEU A 32 -4.89 -12.66 16.66
N HIS A 33 -3.71 -13.22 16.91
CA HIS A 33 -3.59 -14.62 17.26
C HIS A 33 -4.51 -15.03 18.43
N GLN A 34 -4.50 -14.24 19.51
CA GLN A 34 -5.36 -14.52 20.66
C GLN A 34 -6.83 -14.59 20.25
N ALA A 35 -7.24 -13.65 19.41
CA ALA A 35 -8.61 -13.58 18.95
C ALA A 35 -8.96 -14.77 18.06
N LEU A 36 -8.05 -15.14 17.18
CA LEU A 36 -8.30 -16.26 16.27
C LEU A 36 -8.45 -17.54 17.08
N VAL A 37 -7.62 -17.71 18.10
CA VAL A 37 -7.74 -18.86 18.98
C VAL A 37 -9.10 -18.88 19.68
N ALA A 38 -9.51 -17.73 20.21
CA ALA A 38 -10.77 -17.63 20.93
C ALA A 38 -11.95 -17.91 20.01
N GLN A 39 -11.92 -17.31 18.83
CA GLN A 39 -13.00 -17.48 17.86
C GLN A 39 -13.05 -18.89 17.27
N GLY A 40 -11.91 -19.57 17.24
CA GLY A 40 -11.85 -20.88 16.60
C GLY A 40 -12.11 -20.73 15.11
N GLY A 41 -12.02 -21.81 14.37
CA GLY A 41 -12.22 -21.74 12.93
C GLY A 41 -10.90 -21.62 12.19
N ASP A 42 -10.95 -21.81 10.89
CA ASP A 42 -9.73 -21.79 10.09
C ASP A 42 -10.01 -21.08 8.78
N ARG A 43 -10.85 -20.05 8.85
CA ARG A 43 -11.30 -19.36 7.64
CA ARG A 43 -11.35 -19.35 7.67
C ARG A 43 -10.97 -17.87 7.65
N ILE A 44 -10.00 -17.48 8.48
CA ILE A 44 -9.57 -16.08 8.50
C ILE A 44 -8.09 -16.02 8.18
N GLY A 45 -7.73 -15.24 7.18
CA GLY A 45 -6.35 -15.14 6.73
C GLY A 45 -5.81 -13.72 6.82
N VAL A 46 -4.50 -13.58 6.71
CA VAL A 46 -3.87 -12.25 6.69
C VAL A 46 -3.02 -12.09 5.46
N SER A 47 -2.78 -10.84 5.09
CA SER A 47 -1.69 -10.50 4.18
C SER A 47 -1.09 -9.15 4.63
N PHE A 48 0.08 -8.82 4.09
CA PHE A 48 0.75 -7.58 4.42
C PHE A 48 0.91 -6.76 3.14
N PRO A 49 -0.07 -5.89 2.84
CA PRO A 49 -0.15 -5.33 1.48
C PRO A 49 1.00 -4.42 1.11
N ASP A 50 1.66 -3.84 2.11
CA ASP A 50 2.76 -2.92 1.86
C ASP A 50 4.11 -3.59 1.95
N LEU A 51 4.07 -4.92 1.84
CA LEU A 51 5.25 -5.76 1.75
C LEU A 51 6.30 -5.19 0.80
N ASP A 52 7.55 -5.25 1.25
CA ASP A 52 8.70 -4.87 0.44
C ASP A 52 9.64 -6.09 0.39
N GLU A 53 9.47 -6.93 -0.64
CA GLU A 53 10.18 -8.21 -0.70
C GLU A 53 11.68 -8.03 -0.87
N SER A 54 12.07 -6.95 -1.53
CA SER A 54 13.49 -6.65 -1.75
C SER A 54 14.22 -6.31 -0.46
N ARG A 55 13.51 -5.65 0.46
CA ARG A 55 14.11 -5.26 1.74
C ARG A 55 13.64 -6.14 2.91
N SER A 56 12.94 -7.23 2.61
CA SER A 56 12.38 -8.08 3.65
C SER A 56 11.68 -7.29 4.76
N ARG A 57 10.78 -6.40 4.37
CA ARG A 57 10.00 -5.63 5.34
C ARG A 57 8.52 -5.90 5.12
N LEU A 58 7.76 -6.03 6.20
CA LEU A 58 6.32 -6.31 6.08
C LEU A 58 5.51 -5.09 5.71
N GLY A 59 6.00 -3.91 6.07
CA GLY A 59 5.22 -2.70 5.94
C GLY A 59 4.37 -2.48 7.17
N GLU A 60 3.53 -1.45 7.14
CA GLU A 60 2.79 -1.04 8.33
C GLU A 60 1.30 -1.26 8.19
N ARG A 61 0.91 -2.13 7.26
CA ARG A 61 -0.50 -2.47 7.13
C ARG A 61 -0.70 -3.98 7.30
N LEU A 62 -1.66 -4.35 8.14
CA LEU A 62 -2.09 -5.75 8.27
C LEU A 62 -3.48 -5.86 7.69
N ARG A 63 -3.65 -6.73 6.70
CA ARG A 63 -4.95 -6.96 6.12
C ARG A 63 -5.54 -8.26 6.61
N ILE A 64 -6.79 -8.19 7.10
CA ILE A 64 -7.51 -9.39 7.54
C ILE A 64 -8.52 -9.81 6.49
N HIS A 65 -8.52 -11.09 6.13
CA HIS A 65 -9.35 -11.60 5.03
C HIS A 65 -10.36 -12.61 5.58
N ALA A 66 -11.62 -12.51 5.19
CA ALA A 66 -12.62 -13.44 5.72
C ALA A 66 -13.95 -13.24 5.03
N SER A 67 -14.88 -14.16 5.25
CA SER A 67 -16.25 -13.95 4.78
C SER A 67 -16.82 -12.79 5.58
N ALA A 68 -17.93 -12.22 5.10
CA ALA A 68 -18.59 -11.14 5.82
C ALA A 68 -18.91 -11.56 7.26
N ASP A 69 -19.51 -12.75 7.41
CA ASP A 69 -19.91 -13.23 8.74
C ASP A 69 -18.71 -13.40 9.67
N ASP A 70 -17.68 -14.11 9.21
CA ASP A 70 -16.50 -14.38 10.04
C ASP A 70 -15.78 -13.10 10.43
N LEU A 71 -15.70 -12.15 9.51
CA LEU A 71 -15.08 -10.89 9.81
C LEU A 71 -15.90 -10.12 10.85
N ARG A 72 -17.21 -10.09 10.68
CA ARG A 72 -18.10 -9.44 11.65
C ARG A 72 -17.94 -10.02 13.06
N ALA A 73 -17.92 -11.34 13.16
CA ALA A 73 -17.73 -12.01 14.46
C ALA A 73 -16.40 -11.63 15.11
N LEU A 74 -15.34 -11.60 14.31
CA LEU A 74 -14.00 -11.29 14.83
C LEU A 74 -13.92 -9.87 15.35
N LEU A 75 -14.52 -8.93 14.62
CA LEU A 75 -14.46 -7.54 15.01
C LEU A 75 -15.42 -7.26 16.18
N ALA A 76 -16.35 -8.19 16.40
CA ALA A 76 -17.29 -8.09 17.51
C ALA A 76 -16.63 -8.37 18.87
N ARG A 77 -15.47 -9.00 18.85
CA ARG A 77 -14.68 -9.22 20.06
C ARG A 77 -13.80 -8.01 20.30
N PRO A 78 -13.53 -7.70 21.57
CA PRO A 78 -12.73 -6.53 21.94
C PRO A 78 -11.23 -6.83 22.02
N TRP A 79 -10.66 -7.41 20.98
CA TRP A 79 -9.25 -7.78 21.00
C TRP A 79 -8.31 -6.64 20.61
N LEU A 80 -8.87 -5.52 20.22
CA LEU A 80 -8.06 -4.35 19.86
C LEU A 80 -8.02 -3.29 20.97
N GLU A 81 -8.86 -3.46 21.97
CA GLU A 81 -9.01 -2.50 23.05
C GLU A 81 -7.67 -1.94 23.54
N GLY A 82 -6.77 -2.83 23.95
CA GLY A 82 -5.49 -2.41 24.46
C GLY A 82 -4.53 -1.93 23.38
N LEU A 83 -5.07 -1.65 22.20
CA LEU A 83 -4.25 -1.31 21.04
C LEU A 83 -4.82 -0.20 20.17
N ARG A 84 -6.08 0.15 20.35
CA ARG A 84 -6.73 1.13 19.50
C ARG A 84 -5.92 2.42 19.40
N ASP A 85 -5.27 2.79 20.50
CA ASP A 85 -4.43 3.98 20.54
C ASP A 85 -3.36 3.96 19.44
N HIS A 86 -2.91 2.76 19.07
CA HIS A 86 -1.79 2.61 18.14
C HIS A 86 -2.18 2.26 16.72
N LEU A 87 -3.48 2.15 16.48
CA LEU A 87 -3.98 1.62 15.21
C LEU A 87 -4.94 2.57 14.53
N GLN A 88 -4.98 2.49 13.21
CA GLN A 88 -5.96 3.22 12.41
C GLN A 88 -6.69 2.22 11.53
N PHE A 89 -8.01 2.19 11.63
CA PHE A 89 -8.77 1.32 10.74
C PHE A 89 -10.19 1.81 10.55
N GLY A 90 -10.70 1.61 9.34
CA GLY A 90 -12.07 1.96 9.06
C GLY A 90 -12.97 0.75 9.20
N GLU A 91 -13.71 0.47 8.12
CA GLU A 91 -14.74 -0.55 8.13
C GLU A 91 -14.41 -1.68 7.18
N PRO A 92 -14.95 -2.87 7.46
CA PRO A 92 -14.80 -3.96 6.51
C PRO A 92 -15.32 -3.55 5.14
N ALA A 93 -14.77 -4.15 4.09
CA ALA A 93 -15.23 -3.86 2.73
C ALA A 93 -15.15 -5.11 1.90
N VAL A 94 -15.90 -5.14 0.79
CA VAL A 94 -15.77 -6.20 -0.19
C VAL A 94 -14.49 -5.98 -0.98
N VAL A 95 -13.73 -7.05 -1.20
CA VAL A 95 -12.48 -6.94 -1.97
C VAL A 95 -12.70 -6.49 -3.43
N PRO A 96 -11.69 -5.87 -4.03
CA PRO A 96 -11.77 -5.60 -5.47
C PRO A 96 -11.74 -6.92 -6.27
N HIS A 97 -12.12 -6.84 -7.53
CA HIS A 97 -12.03 -8.00 -8.41
C HIS A 97 -11.98 -7.56 -9.87
N PRO A 98 -11.23 -8.28 -10.70
CA PRO A 98 -10.45 -9.46 -10.30
C PRO A 98 -9.15 -9.05 -9.60
N THR A 99 -8.59 -9.98 -8.82
CA THR A 99 -7.23 -9.83 -8.32
C THR A 99 -6.56 -11.18 -8.42
N PRO A 100 -5.23 -11.19 -8.45
CA PRO A 100 -4.58 -12.48 -8.27
C PRO A 100 -4.77 -12.98 -6.84
N TYR A 101 -4.32 -14.20 -6.57
CA TYR A 101 -4.34 -14.77 -5.21
C TYR A 101 -2.96 -15.30 -4.87
N ARG A 102 -2.63 -15.36 -3.58
CA ARG A 102 -1.36 -15.97 -3.19
C ARG A 102 -1.49 -16.55 -1.80
N GLN A 103 -0.54 -17.42 -1.46
CA GLN A 103 -0.45 -17.98 -0.12
C GLN A 103 0.47 -17.15 0.75
N VAL A 104 0.04 -16.85 1.96
CA VAL A 104 0.89 -16.15 2.93
C VAL A 104 1.20 -17.16 4.01
N SER A 105 2.46 -17.63 4.05
CA SER A 105 2.80 -18.78 4.87
C SER A 105 3.90 -18.51 5.87
N ARG A 106 3.91 -19.27 6.96
CA ARG A 106 5.08 -19.26 7.81
C ARG A 106 6.17 -20.08 7.12
N VAL A 107 7.40 -19.58 7.16
CA VAL A 107 8.55 -20.36 6.70
C VAL A 107 9.50 -20.56 7.87
N GLN A 108 9.85 -21.82 8.13
CA GLN A 108 10.85 -22.14 9.15
C GLN A 108 12.12 -22.63 8.49
N ALA A 109 13.28 -22.17 8.98
CA ALA A 109 14.55 -22.80 8.62
C ALA A 109 14.61 -24.17 9.27
N LYS A 110 15.36 -25.09 8.67
CA LYS A 110 15.58 -26.40 9.29
C LYS A 110 16.16 -26.20 10.68
N SER A 111 15.76 -27.05 11.64
CA SER A 111 16.28 -26.94 13.00
C SER A 111 17.81 -26.92 12.96
N ASN A 112 18.42 -26.04 13.74
CA ASN A 112 19.87 -25.97 13.80
C ASN A 112 20.47 -27.15 14.57
N PRO A 113 21.77 -27.42 14.34
CA PRO A 113 22.41 -28.59 14.92
C PRO A 113 22.28 -28.73 16.44
N GLU A 114 22.44 -27.66 17.20
CA GLU A 114 22.40 -27.85 18.65
C GLU A 114 21.00 -28.27 19.10
N ARG A 115 19.97 -27.68 18.49
CA ARG A 115 18.59 -28.07 18.77
C ARG A 115 18.32 -29.52 18.34
N LEU A 116 18.80 -29.87 17.16
CA LEU A 116 18.68 -31.25 16.68
C LEU A 116 19.39 -32.21 17.61
N ARG A 117 20.60 -31.84 18.04
CA ARG A 117 21.33 -32.70 18.97
C ARG A 117 20.57 -32.90 20.29
N ARG A 118 20.03 -31.83 20.87
CA ARG A 118 19.27 -31.98 22.10
C ARG A 118 18.11 -32.94 21.95
N ARG A 119 17.41 -32.81 20.82
CA ARG A 119 16.28 -33.71 20.58
C ARG A 119 16.74 -35.14 20.35
N LEU A 120 17.82 -35.33 19.59
CA LEU A 120 18.36 -36.67 19.35
C LEU A 120 18.78 -37.31 20.67
N MET A 121 19.40 -36.50 21.53
CA MET A 121 19.79 -36.95 22.86
C MET A 121 18.60 -37.46 23.68
N ARG A 122 17.49 -36.71 23.62
CA ARG A 122 16.28 -37.12 24.32
C ARG A 122 15.64 -38.36 23.69
N ARG A 123 15.54 -38.39 22.37
CA ARG A 123 14.90 -39.50 21.66
C ARG A 123 15.67 -40.81 21.75
N HIS A 124 17.00 -40.74 21.75
CA HIS A 124 17.81 -41.95 21.68
C HIS A 124 18.75 -42.12 22.85
N ASP A 125 18.53 -41.36 23.92
CA ASP A 125 19.34 -41.49 25.14
C ASP A 125 20.83 -41.38 24.83
N LEU A 126 21.23 -40.28 24.22
CA LEU A 126 22.63 -40.06 23.83
C LEU A 126 23.27 -38.97 24.68
N SER A 127 24.58 -39.06 24.89
CA SER A 127 25.31 -37.98 25.54
C SER A 127 25.56 -36.90 24.50
N GLU A 128 26.02 -35.73 24.93
CA GLU A 128 26.36 -34.66 24.01
C GLU A 128 27.41 -35.12 23.01
N GLU A 129 28.45 -35.78 23.53
CA GLU A 129 29.56 -36.23 22.70
C GLU A 129 29.09 -37.22 21.64
N GLU A 130 28.22 -38.13 22.04
CA GLU A 130 27.58 -39.05 21.11
C GLU A 130 26.72 -38.33 20.05
N ALA A 131 25.93 -37.37 20.50
CA ALA A 131 25.08 -36.62 19.58
C ALA A 131 25.91 -35.82 18.58
N ARG A 132 27.02 -35.24 19.07
CA ARG A 132 27.85 -34.39 18.22
C ARG A 132 28.51 -35.18 17.09
N LYS A 133 28.85 -36.44 17.35
CA LYS A 133 29.42 -37.28 16.31
C LYS A 133 28.38 -37.61 15.23
N ARG A 134 27.11 -37.58 15.61
CA ARG A 134 26.01 -37.87 14.69
C ARG A 134 25.52 -36.65 13.91
N ILE A 135 25.59 -35.49 14.55
CA ILE A 135 25.08 -34.26 13.95
C ILE A 135 26.10 -33.14 14.12
N PRO A 136 26.84 -32.83 13.04
CA PRO A 136 27.89 -31.82 13.08
C PRO A 136 27.32 -30.41 12.99
N ASP A 137 28.08 -29.42 13.47
CA ASP A 137 27.71 -28.04 13.25
C ASP A 137 27.84 -27.70 11.77
N THR A 138 26.92 -26.88 11.30
CA THR A 138 26.97 -26.42 9.93
C THR A 138 26.73 -24.92 9.93
N VAL A 139 26.93 -24.32 8.76
CA VAL A 139 26.61 -22.93 8.52
C VAL A 139 25.25 -22.88 7.84
N ALA A 140 24.29 -22.23 8.47
CA ALA A 140 22.97 -22.04 7.86
C ALA A 140 22.84 -20.60 7.38
N ARG A 141 22.44 -20.42 6.13
CA ARG A 141 22.18 -19.09 5.61
C ARG A 141 20.82 -18.61 6.11
N THR A 142 20.80 -17.45 6.75
CA THR A 142 19.56 -16.93 7.31
C THR A 142 18.50 -16.78 6.22
N LEU A 143 17.23 -16.92 6.64
CA LEU A 143 16.12 -16.73 5.72
C LEU A 143 16.10 -15.29 5.26
N ASP A 144 16.03 -15.07 3.95
CA ASP A 144 15.89 -13.73 3.44
C ASP A 144 14.40 -13.45 3.27
N LEU A 145 13.73 -13.31 4.41
CA LEU A 145 12.29 -13.10 4.45
C LEU A 145 11.97 -12.13 5.57
N PRO A 146 10.86 -11.37 5.42
CA PRO A 146 10.44 -10.55 6.55
C PRO A 146 9.90 -11.42 7.69
N PHE A 147 9.83 -10.86 8.90
CA PHE A 147 9.32 -11.58 10.05
C PHE A 147 8.64 -10.69 11.08
N VAL A 148 7.80 -11.31 11.90
CA VAL A 148 7.31 -10.68 13.12
C VAL A 148 8.01 -11.36 14.30
N THR A 149 8.34 -10.60 15.34
CA THR A 149 8.90 -11.19 16.55
C THR A 149 7.83 -11.38 17.61
N LEU A 150 7.53 -12.63 17.96
CA LEU A 150 6.43 -12.92 18.86
C LEU A 150 6.89 -13.42 20.22
N ARG A 151 5.95 -13.51 21.14
CA ARG A 151 6.21 -13.99 22.50
C ARG A 151 5.26 -15.15 22.78
N SER A 152 5.81 -16.29 23.19
CA SER A 152 5.00 -17.42 23.59
C SER A 152 4.30 -17.11 24.91
N GLN A 153 2.99 -17.38 24.96
CA GLN A 153 2.22 -17.12 26.16
C GLN A 153 2.40 -18.24 27.18
N SER A 154 2.90 -19.37 26.71
CA SER A 154 3.13 -20.53 27.58
C SER A 154 4.47 -20.45 28.32
N THR A 155 5.51 -20.02 27.60
CA THR A 155 6.87 -20.03 28.12
C THR A 155 7.45 -18.64 28.34
N GLY A 156 6.82 -17.64 27.72
CA GLY A 156 7.34 -16.28 27.75
C GLY A 156 8.50 -16.11 26.79
N GLN A 157 8.74 -17.12 25.97
CA GLN A 157 9.83 -17.08 24.99
C GLN A 157 9.50 -16.18 23.81
N HIS A 158 10.52 -15.51 23.29
CA HIS A 158 10.37 -14.69 22.09
C HIS A 158 10.93 -15.41 20.88
N PHE A 159 10.21 -15.37 19.76
CA PHE A 159 10.69 -15.99 18.55
C PHE A 159 10.33 -15.19 17.31
N ARG A 160 11.19 -15.27 16.28
CA ARG A 160 10.90 -14.68 14.98
C ARG A 160 10.07 -15.62 14.14
N LEU A 161 8.98 -15.10 13.57
CA LEU A 161 8.11 -15.90 12.71
C LEU A 161 8.29 -15.33 11.32
N PHE A 162 8.93 -16.09 10.44
CA PHE A 162 9.22 -15.61 9.10
C PHE A 162 8.02 -15.85 8.18
N ILE A 163 7.70 -14.86 7.37
CA ILE A 163 6.50 -14.95 6.55
C ILE A 163 6.87 -14.79 5.08
N ARG A 164 6.37 -15.71 4.26
CA ARG A 164 6.56 -15.61 2.81
C ARG A 164 5.24 -15.40 2.08
N HIS A 165 5.18 -14.34 1.26
CA HIS A 165 4.06 -14.17 0.33
C HIS A 165 4.45 -14.88 -0.95
N GLY A 166 3.66 -15.89 -1.33
CA GLY A 166 4.00 -16.76 -2.45
C GLY A 166 3.71 -16.18 -3.83
N PRO A 167 4.03 -16.94 -4.88
CA PRO A 167 3.83 -16.43 -6.24
C PRO A 167 2.35 -16.21 -6.56
N LEU A 168 2.08 -15.17 -7.33
CA LEU A 168 0.72 -14.77 -7.68
C LEU A 168 0.09 -15.76 -8.66
N GLN A 169 -1.20 -16.06 -8.45
CA GLN A 169 -1.95 -16.99 -9.28
C GLN A 169 -3.25 -16.34 -9.72
N VAL A 170 -3.77 -16.74 -10.88
CA VAL A 170 -5.05 -16.21 -11.34
C VAL A 170 -6.24 -16.76 -10.55
N THR A 171 -6.21 -18.04 -10.22
CA THR A 171 -7.35 -18.65 -9.55
C THR A 171 -7.05 -18.89 -8.09
N ALA A 172 -8.09 -18.90 -7.27
CA ALA A 172 -7.94 -19.19 -5.86
C ALA A 172 -8.10 -20.69 -5.66
N GLU A 173 -7.18 -21.28 -4.90
CA GLU A 173 -7.35 -22.65 -4.47
C GLU A 173 -8.04 -22.65 -3.12
N GLU A 174 -8.90 -23.63 -2.89
CA GLU A 174 -9.67 -23.72 -1.66
C GLU A 174 -8.84 -24.32 -0.53
N GLY A 175 -8.77 -23.63 0.60
CA GLY A 175 -7.98 -24.12 1.73
C GLY A 175 -8.17 -23.35 3.03
N GLY A 176 -7.58 -23.88 4.09
CA GLY A 176 -7.72 -23.28 5.40
C GLY A 176 -6.51 -22.47 5.85
N PHE A 177 -6.64 -21.87 7.04
CA PHE A 177 -5.64 -20.98 7.61
C PHE A 177 -5.38 -21.37 9.06
N THR A 178 -4.20 -21.02 9.57
CA THR A 178 -3.82 -21.29 10.95
C THR A 178 -4.42 -20.27 11.90
N CYS A 179 -4.15 -20.43 13.19
CA CYS A 179 -4.68 -19.48 14.16
CA CYS A 179 -4.62 -19.52 14.22
C CYS A 179 -3.81 -18.23 14.28
N TYR A 180 -2.86 -18.09 13.36
CA TYR A 180 -2.17 -16.81 13.17
C TYR A 180 -2.61 -16.15 11.86
N GLY A 181 -3.56 -16.77 11.16
CA GLY A 181 -4.00 -16.26 9.87
C GLY A 181 -3.13 -16.66 8.70
N LEU A 182 -2.16 -17.54 8.93
CA LEU A 182 -1.29 -17.96 7.83
C LEU A 182 -1.82 -19.20 7.11
N SER A 183 -1.35 -19.44 5.91
CA SER A 183 -1.90 -20.51 5.08
C SER A 183 -1.62 -21.92 5.60
N LYS A 184 -2.66 -22.75 5.62
CA LYS A 184 -2.50 -24.20 5.70
C LYS A 184 -2.99 -24.78 4.37
N GLY A 185 -2.97 -23.96 3.32
CA GLY A 185 -3.47 -24.38 2.03
C GLY A 185 -4.27 -23.27 1.38
N GLY A 186 -4.89 -22.43 2.22
CA GLY A 186 -5.73 -21.34 1.74
C GLY A 186 -4.96 -20.17 1.14
N PHE A 187 -5.60 -19.50 0.18
CA PHE A 187 -5.04 -18.38 -0.56
C PHE A 187 -5.85 -17.15 -0.21
N VAL A 188 -5.25 -15.97 -0.36
CA VAL A 188 -5.97 -14.72 -0.17
C VAL A 188 -5.81 -13.83 -1.40
N PRO A 189 -6.80 -12.97 -1.66
CA PRO A 189 -6.66 -12.03 -2.79
C PRO A 189 -5.56 -11.01 -2.53
N TRP A 190 -4.80 -10.68 -3.56
CA TRP A 190 -3.69 -9.74 -3.42
C TRP A 190 -3.99 -8.45 -4.16
N PHE A 191 -3.94 -7.34 -3.44
CA PHE A 191 -4.17 -6.03 -4.03
C PHE A 191 -3.52 -4.96 -3.17
N PHE B 3 -21.87 5.56 -8.03
CA PHE B 3 -20.64 6.28 -8.43
C PHE B 3 -19.96 5.61 -9.62
N THR B 4 -19.69 6.39 -10.66
CA THR B 4 -19.37 5.79 -11.96
C THR B 4 -17.90 5.48 -12.21
N MET B 5 -17.01 6.14 -11.49
CA MET B 5 -15.58 5.83 -11.66
C MET B 5 -15.18 4.77 -10.66
N ASP B 6 -15.68 3.57 -10.90
CA ASP B 6 -15.56 2.50 -9.92
C ASP B 6 -14.58 1.41 -10.33
N HIS B 7 -13.76 1.68 -11.34
CA HIS B 7 -12.67 0.77 -11.69
C HIS B 7 -11.34 1.48 -11.46
N TYR B 8 -10.27 0.69 -11.36
CA TYR B 8 -8.95 1.26 -11.14
C TYR B 8 -7.85 0.30 -11.60
N LEU B 9 -6.68 0.87 -11.80
CA LEU B 9 -5.45 0.09 -12.00
C LEU B 9 -4.35 0.68 -11.14
N ASP B 10 -3.62 -0.19 -10.44
CA ASP B 10 -2.42 0.23 -9.72
C ASP B 10 -1.16 -0.05 -10.54
N ILE B 11 -0.30 0.96 -10.63
CA ILE B 11 0.99 0.84 -11.26
C ILE B 11 2.05 1.15 -10.21
N ARG B 12 2.98 0.23 -10.01
CA ARG B 12 4.05 0.43 -9.04
C ARG B 12 5.41 0.54 -9.72
N LEU B 13 6.28 1.40 -9.18
CA LEU B 13 7.60 1.62 -9.76
C LEU B 13 8.50 0.42 -9.48
N ARG B 14 9.36 0.09 -10.43
CA ARG B 14 10.41 -0.90 -10.19
C ARG B 14 11.74 -0.19 -10.09
N PRO B 15 12.66 -0.69 -9.25
CA PRO B 15 13.96 -0.06 -9.00
C PRO B 15 14.75 0.24 -10.29
N ASP B 16 15.66 1.20 -10.20
CA ASP B 16 16.54 1.53 -11.32
C ASP B 16 17.72 2.38 -10.86
N PRO B 20 16.05 6.88 -10.81
CA PRO B 20 15.62 6.81 -9.40
C PRO B 20 14.11 7.04 -9.28
N PRO B 21 13.52 6.66 -8.15
CA PRO B 21 12.06 6.62 -7.97
C PRO B 21 11.34 7.94 -8.31
N ALA B 22 11.81 9.06 -7.78
CA ALA B 22 11.17 10.35 -8.02
C ALA B 22 11.14 10.65 -9.51
N GLN B 23 12.27 10.45 -10.19
CA GLN B 23 12.38 10.75 -11.61
C GLN B 23 11.47 9.84 -12.43
N LEU B 24 11.38 8.58 -12.02
CA LEU B 24 10.56 7.60 -12.73
C LEU B 24 9.07 7.94 -12.62
N MET B 25 8.65 8.38 -11.43
CA MET B 25 7.27 8.78 -11.24
C MET B 25 6.94 9.96 -12.15
N CYS B 26 7.88 10.90 -12.31
CA CYS B 26 7.65 12.03 -13.18
C CYS B 26 7.46 11.59 -14.62
N VAL B 27 8.30 10.67 -15.10
CA VAL B 27 8.15 10.17 -16.46
C VAL B 27 6.80 9.51 -16.64
N LEU B 28 6.45 8.64 -15.70
CA LEU B 28 5.17 7.94 -15.73
C LEU B 28 4.00 8.92 -15.75
N PHE B 29 4.05 9.92 -14.87
CA PHE B 29 2.97 10.89 -14.77
C PHE B 29 2.87 11.72 -16.06
N GLY B 30 4.01 12.03 -16.68
CA GLY B 30 4.02 12.72 -17.96
C GLY B 30 3.44 11.91 -19.10
N LYS B 31 3.76 10.61 -19.11
CA LYS B 31 3.20 9.72 -20.13
C LYS B 31 1.70 9.64 -19.98
N LEU B 32 1.24 9.56 -18.73
CA LEU B 32 -0.21 9.54 -18.50
C LEU B 32 -0.86 10.81 -19.04
N HIS B 33 -0.25 11.96 -18.75
CA HIS B 33 -0.75 13.23 -19.27
C HIS B 33 -0.88 13.24 -20.80
N GLN B 34 0.14 12.73 -21.49
CA GLN B 34 0.09 12.64 -22.96
C GLN B 34 -1.11 11.81 -23.39
N ALA B 35 -1.29 10.68 -22.73
CA ALA B 35 -2.38 9.79 -23.06
C ALA B 35 -3.74 10.43 -22.82
N LEU B 36 -3.87 11.18 -21.72
CA LEU B 36 -5.14 11.83 -21.43
C LEU B 36 -5.43 12.94 -22.42
N VAL B 37 -4.40 13.69 -22.79
CA VAL B 37 -4.57 14.76 -23.77
C VAL B 37 -5.02 14.19 -25.10
N ALA B 38 -4.42 13.06 -25.47
CA ALA B 38 -4.77 12.41 -26.73
C ALA B 38 -6.23 11.98 -26.72
N GLN B 39 -6.67 11.39 -25.62
CA GLN B 39 -8.06 10.94 -25.51
C GLN B 39 -9.07 12.09 -25.34
N GLY B 40 -8.65 13.18 -24.71
CA GLY B 40 -9.43 14.41 -24.67
C GLY B 40 -10.55 14.45 -23.66
N GLY B 41 -10.64 13.43 -22.82
CA GLY B 41 -11.74 13.33 -21.87
C GLY B 41 -11.50 14.07 -20.56
N ASP B 42 -12.45 13.97 -19.65
CA ASP B 42 -12.28 14.57 -18.31
C ASP B 42 -12.77 13.65 -17.19
N ARG B 43 -12.70 12.34 -17.42
CA ARG B 43 -13.23 11.38 -16.47
C ARG B 43 -12.19 10.32 -16.06
N ILE B 44 -10.92 10.67 -16.15
CA ILE B 44 -9.89 9.78 -15.61
C ILE B 44 -9.13 10.46 -14.48
N GLY B 45 -9.11 9.83 -13.31
CA GLY B 45 -8.51 10.48 -12.14
C GLY B 45 -7.31 9.71 -11.65
N VAL B 46 -6.46 10.36 -10.85
CA VAL B 46 -5.35 9.65 -10.21
C VAL B 46 -5.38 9.81 -8.70
N SER B 47 -4.75 8.87 -8.02
CA SER B 47 -4.40 9.07 -6.62
C SER B 47 -3.07 8.37 -6.35
N PHE B 48 -2.49 8.64 -5.19
CA PHE B 48 -1.18 8.09 -4.85
C PHE B 48 -1.34 7.40 -3.51
N PRO B 49 -1.71 6.10 -3.53
CA PRO B 49 -2.24 5.52 -2.30
C PRO B 49 -1.16 5.25 -1.26
N ASP B 50 0.10 5.29 -1.65
CA ASP B 50 1.20 5.07 -0.70
C ASP B 50 1.82 6.40 -0.31
N LEU B 51 1.04 7.46 -0.51
CA LEU B 51 1.38 8.82 -0.14
C LEU B 51 1.92 8.93 1.28
N ASP B 52 2.91 9.79 1.46
CA ASP B 52 3.36 10.18 2.80
C ASP B 52 3.40 11.70 2.84
N GLU B 53 2.26 12.31 3.17
CA GLU B 53 2.16 13.76 3.21
C GLU B 53 3.12 14.28 4.29
N SER B 54 3.46 13.41 5.24
CA SER B 54 4.31 13.77 6.37
C SER B 54 5.79 13.92 5.99
N ARG B 55 6.08 13.72 4.71
CA ARG B 55 7.44 13.84 4.20
C ARG B 55 7.41 14.38 2.77
N SER B 56 6.23 14.86 2.36
CA SER B 56 6.06 15.37 1.00
C SER B 56 6.53 14.37 -0.04
N ARG B 57 6.13 13.10 0.15
CA ARG B 57 6.44 12.04 -0.80
C ARG B 57 5.16 11.46 -1.36
N LEU B 58 5.12 11.27 -2.68
CA LEU B 58 3.95 10.68 -3.34
C LEU B 58 3.91 9.17 -3.14
N GLY B 59 5.08 8.58 -2.91
CA GLY B 59 5.17 7.14 -2.80
C GLY B 59 5.37 6.56 -4.18
N GLU B 60 5.37 5.24 -4.28
CA GLU B 60 5.79 4.60 -5.53
C GLU B 60 4.65 3.86 -6.24
N ARG B 61 3.42 4.20 -5.85
CA ARG B 61 2.24 3.61 -6.47
C ARG B 61 1.37 4.70 -7.09
N LEU B 62 1.09 4.57 -8.38
CA LEU B 62 0.12 5.45 -9.02
C LEU B 62 -1.15 4.68 -9.29
N ARG B 63 -2.29 5.21 -8.81
CA ARG B 63 -3.57 4.56 -9.06
C ARG B 63 -4.35 5.39 -10.09
N ILE B 64 -4.83 4.71 -11.12
CA ILE B 64 -5.68 5.36 -12.13
C ILE B 64 -7.14 4.94 -11.91
N HIS B 65 -8.05 5.91 -11.94
CA HIS B 65 -9.45 5.69 -11.61
C HIS B 65 -10.31 6.05 -12.81
N ALA B 66 -11.31 5.21 -13.14
CA ALA B 66 -12.19 5.54 -14.25
C ALA B 66 -13.35 4.54 -14.27
N SER B 67 -14.36 4.80 -15.11
CA SER B 67 -15.36 3.76 -15.41
C SER B 67 -14.67 2.58 -16.08
N ALA B 68 -15.36 1.45 -16.15
CA ALA B 68 -14.81 0.27 -16.82
C ALA B 68 -14.46 0.60 -18.25
N ASP B 69 -15.39 1.21 -18.97
CA ASP B 69 -15.17 1.54 -20.38
C ASP B 69 -14.02 2.53 -20.58
N ASP B 70 -13.93 3.55 -19.74
CA ASP B 70 -12.90 4.57 -19.92
C ASP B 70 -11.51 4.03 -19.57
N LEU B 71 -11.44 3.18 -18.54
CA LEU B 71 -10.15 2.59 -18.19
C LEU B 71 -9.71 1.66 -19.34
N ARG B 72 -10.65 0.87 -19.86
CA ARG B 72 -10.30 -0.07 -20.93
C ARG B 72 -9.77 0.69 -22.13
N ALA B 73 -10.43 1.78 -22.49
CA ALA B 73 -10.00 2.61 -23.61
C ALA B 73 -8.62 3.20 -23.37
N LEU B 74 -8.39 3.72 -22.17
CA LEU B 74 -7.08 4.26 -21.85
C LEU B 74 -5.98 3.19 -21.97
N LEU B 75 -6.26 1.98 -21.49
CA LEU B 75 -5.23 0.95 -21.41
C LEU B 75 -4.96 0.30 -22.75
N ALA B 76 -5.90 0.45 -23.67
CA ALA B 76 -5.78 -0.10 -25.01
C ALA B 76 -4.70 0.59 -25.82
N ARG B 77 -4.41 1.83 -25.47
CA ARG B 77 -3.37 2.60 -26.17
C ARG B 77 -2.00 2.18 -25.65
N PRO B 78 -0.98 2.25 -26.52
CA PRO B 78 0.37 1.81 -26.14
C PRO B 78 1.19 2.88 -25.42
N TRP B 79 0.56 3.64 -24.52
CA TRP B 79 1.25 4.79 -23.93
C TRP B 79 2.31 4.42 -22.91
N LEU B 80 2.31 3.15 -22.49
CA LEU B 80 3.24 2.69 -21.47
C LEU B 80 4.41 1.90 -22.02
N GLU B 81 4.16 1.12 -23.08
CA GLU B 81 5.23 0.36 -23.72
C GLU B 81 6.44 1.26 -23.94
N GLY B 82 7.58 0.85 -23.39
CA GLY B 82 8.76 1.69 -23.35
C GLY B 82 9.16 1.92 -21.90
N LEU B 83 8.16 2.04 -21.05
CA LEU B 83 8.39 2.17 -19.62
C LEU B 83 8.06 0.85 -18.94
N ARG B 84 7.37 -0.02 -19.68
CA ARG B 84 6.78 -1.22 -19.10
C ARG B 84 7.74 -2.03 -18.25
N ASP B 85 9.01 -2.07 -18.65
CA ASP B 85 10.02 -2.86 -17.94
C ASP B 85 10.43 -2.27 -16.59
N HIS B 86 10.05 -1.02 -16.34
CA HIS B 86 10.38 -0.37 -15.08
C HIS B 86 9.13 -0.20 -14.21
N LEU B 87 8.05 -0.89 -14.58
CA LEU B 87 6.79 -0.84 -13.84
C LEU B 87 6.27 -2.24 -13.51
N GLN B 88 5.49 -2.34 -12.43
CA GLN B 88 4.80 -3.57 -12.09
C GLN B 88 3.31 -3.26 -12.01
N PHE B 89 2.49 -4.14 -12.58
CA PHE B 89 1.08 -3.82 -12.78
C PHE B 89 0.16 -4.72 -11.96
N GLY B 90 -0.93 -4.16 -11.44
CA GLY B 90 -2.00 -4.97 -10.91
C GLY B 90 -2.93 -5.30 -12.07
N GLU B 91 -4.14 -5.74 -11.76
CA GLU B 91 -5.14 -5.94 -12.81
C GLU B 91 -6.18 -4.85 -12.71
N PRO B 92 -6.69 -4.39 -13.85
CA PRO B 92 -7.83 -3.46 -13.81
C PRO B 92 -8.98 -4.14 -13.07
N ALA B 93 -9.58 -3.46 -12.11
CA ALA B 93 -10.55 -4.11 -11.23
C ALA B 93 -11.59 -3.13 -10.74
N VAL B 94 -12.71 -3.65 -10.27
CA VAL B 94 -13.68 -2.86 -9.56
C VAL B 94 -13.06 -2.55 -8.21
N VAL B 95 -13.27 -1.33 -7.71
CA VAL B 95 -12.74 -0.91 -6.41
C VAL B 95 -13.44 -1.66 -5.29
N PRO B 96 -12.78 -1.76 -4.13
CA PRO B 96 -13.46 -2.31 -2.97
C PRO B 96 -14.62 -1.40 -2.60
N HIS B 97 -15.55 -1.89 -1.82
CA HIS B 97 -16.59 -1.01 -1.31
C HIS B 97 -17.19 -1.58 -0.05
N PRO B 98 -17.61 -0.68 0.85
CA PRO B 98 -17.50 0.77 0.64
C PRO B 98 -16.09 1.29 0.95
N THR B 99 -15.76 2.46 0.43
CA THR B 99 -14.54 3.14 0.83
C THR B 99 -14.88 4.60 1.01
N PRO B 100 -14.03 5.35 1.73
CA PRO B 100 -14.18 6.80 1.66
C PRO B 100 -13.76 7.32 0.28
N TYR B 101 -13.95 8.62 0.07
CA TYR B 101 -13.56 9.31 -1.15
C TYR B 101 -12.72 10.50 -0.77
N ARG B 102 -11.84 10.91 -1.66
CA ARG B 102 -11.13 12.16 -1.41
C ARG B 102 -10.75 12.84 -2.71
N GLN B 103 -10.36 14.09 -2.60
CA GLN B 103 -10.06 14.91 -3.74
C GLN B 103 -8.55 15.00 -3.91
N VAL B 104 -8.07 14.76 -5.13
CA VAL B 104 -6.65 14.84 -5.42
C VAL B 104 -6.47 16.03 -6.35
N SER B 105 -5.89 17.10 -5.82
CA SER B 105 -5.94 18.40 -6.51
C SER B 105 -4.55 18.93 -6.80
N ARG B 106 -4.42 19.61 -7.94
CA ARG B 106 -3.28 20.50 -8.11
C ARG B 106 -3.45 21.71 -7.18
N VAL B 107 -2.37 22.13 -6.53
CA VAL B 107 -2.41 23.32 -5.69
C VAL B 107 -1.39 24.33 -6.21
N GLN B 108 -1.82 25.58 -6.34
CA GLN B 108 -0.90 26.64 -6.74
C GLN B 108 -0.91 27.75 -5.70
N ALA B 109 0.18 28.49 -5.61
CA ALA B 109 0.29 29.56 -4.63
C ALA B 109 0.85 30.81 -5.28
N LYS B 110 0.67 31.94 -4.60
CA LYS B 110 1.32 33.17 -5.05
C LYS B 110 2.73 33.17 -4.51
N SER B 111 3.60 32.42 -5.18
CA SER B 111 4.94 32.19 -4.68
C SER B 111 5.97 33.15 -5.29
N ASN B 112 5.56 33.94 -6.28
CA ASN B 112 6.47 34.86 -6.93
C ASN B 112 5.85 36.26 -7.08
N PRO B 113 6.10 37.13 -6.09
CA PRO B 113 5.52 38.47 -6.17
C PRO B 113 5.93 39.21 -7.44
N GLU B 114 7.13 38.98 -7.95
CA GLU B 114 7.59 39.69 -9.15
C GLU B 114 6.66 39.43 -10.35
N ARG B 115 6.26 38.18 -10.52
CA ARG B 115 5.34 37.80 -11.58
C ARG B 115 3.97 38.46 -11.36
N LEU B 116 3.56 38.54 -10.10
CA LEU B 116 2.36 39.28 -9.75
C LEU B 116 2.49 40.75 -10.15
N ARG B 117 3.63 41.35 -9.87
CA ARG B 117 3.84 42.76 -10.22
C ARG B 117 3.76 42.99 -11.72
N ARG B 118 4.38 42.10 -12.50
CA ARG B 118 4.32 42.25 -13.97
C ARG B 118 2.89 42.26 -14.46
N ARG B 119 2.07 41.37 -13.91
CA ARG B 119 0.66 41.34 -14.27
C ARG B 119 -0.07 42.60 -13.78
N LEU B 120 0.20 43.00 -12.55
CA LEU B 120 -0.46 44.16 -11.98
C LEU B 120 -0.13 45.41 -12.80
N MET B 121 1.08 45.45 -13.34
CA MET B 121 1.50 46.55 -14.20
C MET B 121 0.75 46.56 -15.53
N ARG B 122 0.45 45.37 -16.05
CA ARG B 122 -0.33 45.23 -17.27
C ARG B 122 -1.78 45.66 -17.03
N ARG B 123 -2.23 45.57 -15.78
CA ARG B 123 -3.65 45.78 -15.48
C ARG B 123 -4.00 47.14 -14.85
N HIS B 124 -2.99 47.90 -14.45
CA HIS B 124 -3.26 49.19 -13.81
C HIS B 124 -2.32 50.29 -14.30
N ASP B 125 -1.51 49.99 -15.30
CA ASP B 125 -0.53 50.94 -15.81
C ASP B 125 0.16 51.63 -14.65
N LEU B 126 0.88 50.84 -13.86
CA LEU B 126 1.70 51.35 -12.78
C LEU B 126 3.16 51.21 -13.20
N SER B 127 4.06 51.71 -12.37
CA SER B 127 5.48 51.46 -12.58
C SER B 127 6.00 50.51 -11.52
N GLU B 128 7.16 49.91 -11.80
CA GLU B 128 7.70 48.87 -10.93
C GLU B 128 7.80 49.29 -9.48
N GLU B 129 8.15 50.56 -9.26
CA GLU B 129 8.28 51.07 -7.90
C GLU B 129 6.90 51.15 -7.24
N GLU B 130 5.90 51.49 -8.04
CA GLU B 130 4.51 51.48 -7.57
C GLU B 130 4.10 50.03 -7.27
N ALA B 131 4.31 49.16 -8.26
CA ALA B 131 3.96 47.74 -8.12
C ALA B 131 4.66 47.12 -6.92
N ARG B 132 5.95 47.44 -6.77
CA ARG B 132 6.74 46.86 -5.69
C ARG B 132 6.24 47.30 -4.31
N LYS B 133 5.62 48.47 -4.26
CA LYS B 133 5.04 48.97 -3.02
C LYS B 133 3.74 48.25 -2.71
N ARG B 134 2.99 47.92 -3.74
CA ARG B 134 1.70 47.27 -3.58
C ARG B 134 1.84 45.77 -3.31
N ILE B 135 2.73 45.12 -4.05
CA ILE B 135 3.00 43.71 -3.83
C ILE B 135 4.43 43.52 -3.34
N PRO B 136 4.62 43.59 -2.01
CA PRO B 136 5.94 43.47 -1.38
C PRO B 136 6.47 42.04 -1.34
N ASP B 137 7.75 41.89 -1.04
CA ASP B 137 8.36 40.57 -0.92
C ASP B 137 7.82 39.84 0.30
N LEU B 143 4.83 26.40 -1.06
CA LEU B 143 3.97 25.25 -0.76
C LEU B 143 4.75 24.10 -0.14
N ASP B 144 4.17 23.47 0.87
CA ASP B 144 4.79 22.31 1.49
C ASP B 144 3.99 21.04 1.17
N LEU B 145 3.99 20.66 -0.11
CA LEU B 145 3.24 19.52 -0.60
C LEU B 145 4.13 18.66 -1.49
N PRO B 146 3.77 17.37 -1.66
CA PRO B 146 4.45 16.55 -2.66
C PRO B 146 4.22 17.16 -4.03
N PHE B 147 5.08 16.82 -4.97
CA PHE B 147 4.96 17.34 -6.33
C PHE B 147 5.57 16.40 -7.35
N VAL B 148 5.20 16.61 -8.60
CA VAL B 148 5.96 16.07 -9.72
C VAL B 148 6.57 17.25 -10.47
N THR B 149 7.67 16.99 -11.17
CA THR B 149 8.31 18.02 -11.96
C THR B 149 8.05 17.69 -13.42
N LEU B 150 7.39 18.62 -14.10
CA LEU B 150 6.98 18.41 -15.47
C LEU B 150 7.61 19.44 -16.40
N ARG B 151 7.60 19.15 -17.69
CA ARG B 151 8.18 20.07 -18.66
C ARG B 151 7.04 20.69 -19.45
N SER B 152 7.07 22.00 -19.63
CA SER B 152 6.10 22.71 -20.46
C SER B 152 6.41 22.47 -21.94
N GLN B 153 5.68 21.54 -22.54
CA GLN B 153 5.99 21.04 -23.89
C GLN B 153 6.05 22.13 -24.96
N SER B 154 5.47 23.29 -24.68
CA SER B 154 5.47 24.38 -25.64
C SER B 154 6.72 25.24 -25.52
N THR B 155 7.29 25.33 -24.32
CA THR B 155 8.40 26.24 -24.08
C THR B 155 9.60 25.58 -23.39
N GLY B 156 9.49 24.28 -23.12
CA GLY B 156 10.61 23.54 -22.55
C GLY B 156 10.98 23.99 -21.15
N GLN B 157 10.05 24.69 -20.51
CA GLN B 157 10.27 25.12 -19.14
CA GLN B 157 10.25 25.13 -19.13
C GLN B 157 9.79 24.05 -18.16
N HIS B 158 10.67 23.64 -17.25
CA HIS B 158 10.27 22.69 -16.21
C HIS B 158 9.56 23.41 -15.06
N PHE B 159 8.50 22.81 -14.53
CA PHE B 159 7.80 23.41 -13.39
C PHE B 159 7.34 22.31 -12.44
N ARG B 160 7.20 22.66 -11.16
CA ARG B 160 6.65 21.72 -10.19
C ARG B 160 5.13 21.82 -10.15
N LEU B 161 4.46 20.67 -10.16
CA LEU B 161 3.03 20.62 -10.01
C LEU B 161 2.79 20.00 -8.65
N PHE B 162 2.27 20.78 -7.70
CA PHE B 162 2.08 20.31 -6.35
C PHE B 162 0.73 19.67 -6.23
N ILE B 163 0.66 18.58 -5.48
CA ILE B 163 -0.57 17.79 -5.40
C ILE B 163 -0.99 17.61 -3.94
N ARG B 164 -2.28 17.83 -3.67
CA ARG B 164 -2.85 17.70 -2.34
C ARG B 164 -3.86 16.56 -2.39
N HIS B 165 -3.80 15.64 -1.42
CA HIS B 165 -4.89 14.68 -1.20
C HIS B 165 -5.71 15.23 -0.03
N GLY B 166 -6.96 15.62 -0.30
CA GLY B 166 -7.78 16.31 0.68
C GLY B 166 -8.45 15.41 1.71
N PRO B 167 -9.26 16.01 2.59
CA PRO B 167 -9.97 15.33 3.68
C PRO B 167 -10.81 14.16 3.14
N LEU B 168 -10.79 13.03 3.82
CA LEU B 168 -11.67 11.93 3.43
C LEU B 168 -13.13 12.33 3.64
N GLN B 169 -14.01 11.81 2.79
CA GLN B 169 -15.43 11.93 3.04
C GLN B 169 -16.17 10.67 2.61
N VAL B 170 -17.43 10.58 3.02
CA VAL B 170 -18.20 9.35 2.93
C VAL B 170 -18.90 9.16 1.59
N THR B 171 -19.21 10.25 0.90
CA THR B 171 -19.87 10.15 -0.41
C THR B 171 -19.01 10.79 -1.51
N ALA B 172 -19.33 10.53 -2.77
CA ALA B 172 -18.53 11.06 -3.88
C ALA B 172 -19.07 12.37 -4.45
N GLU B 173 -18.54 12.78 -5.60
CA GLU B 173 -18.96 14.03 -6.27
C GLU B 173 -19.27 13.86 -7.78
N GLU B 174 -19.86 14.87 -8.42
CA GLU B 174 -20.26 14.74 -9.83
C GLU B 174 -19.20 15.28 -10.77
N GLY B 175 -18.30 16.11 -10.26
CA GLY B 175 -17.36 16.85 -11.09
C GLY B 175 -16.32 16.01 -11.82
N GLY B 176 -15.62 16.65 -12.75
CA GLY B 176 -14.63 15.98 -13.56
C GLY B 176 -13.18 16.18 -13.16
N PHE B 177 -12.29 15.94 -14.12
CA PHE B 177 -10.86 15.84 -13.86
C PHE B 177 -10.10 16.51 -14.99
N THR B 178 -8.89 16.97 -14.70
CA THR B 178 -8.05 17.60 -15.72
C THR B 178 -7.30 16.57 -16.55
N CYS B 179 -6.57 17.05 -17.56
CA CYS B 179 -5.78 16.12 -18.35
CA CYS B 179 -5.75 16.15 -18.36
C CYS B 179 -4.47 15.73 -17.66
N TYR B 180 -4.35 16.05 -16.37
CA TYR B 180 -3.31 15.46 -15.54
C TYR B 180 -3.93 14.45 -14.57
N GLY B 181 -5.24 14.28 -14.64
CA GLY B 181 -5.90 13.30 -13.78
C GLY B 181 -6.27 13.92 -12.44
N LEU B 182 -6.05 15.23 -12.29
CA LEU B 182 -6.31 15.89 -11.00
C LEU B 182 -7.73 16.48 -10.96
N SER B 183 -8.22 16.81 -9.77
CA SER B 183 -9.62 17.14 -9.62
C SER B 183 -10.00 18.48 -10.30
N LYS B 184 -11.13 18.47 -10.99
CA LYS B 184 -11.81 19.70 -11.41
C LYS B 184 -13.18 19.74 -10.72
N GLY B 185 -13.30 19.02 -9.60
CA GLY B 185 -14.55 18.83 -8.89
C GLY B 185 -14.71 17.38 -8.46
N GLY B 186 -14.19 16.46 -9.27
CA GLY B 186 -14.34 15.04 -9.00
C GLY B 186 -13.46 14.51 -7.87
N PHE B 187 -13.97 13.52 -7.14
CA PHE B 187 -13.26 12.84 -6.07
C PHE B 187 -13.03 11.38 -6.50
N VAL B 188 -12.10 10.71 -5.86
CA VAL B 188 -11.86 9.30 -6.18
C VAL B 188 -11.91 8.47 -4.91
N PRO B 189 -12.22 7.18 -5.07
CA PRO B 189 -12.24 6.30 -3.89
C PRO B 189 -10.85 6.15 -3.32
N TRP B 190 -10.77 6.10 -1.99
CA TRP B 190 -9.49 6.04 -1.29
C TRP B 190 -9.39 4.73 -0.52
N PHE B 191 -8.36 3.95 -0.82
CA PHE B 191 -8.20 2.64 -0.18
C PHE B 191 -6.76 2.18 -0.28
#